data_7Q0W
#
_entry.id   7Q0W
#
_cell.length_a   53.905
_cell.length_b   56.082
_cell.length_c   65.779
_cell.angle_alpha   90.00
_cell.angle_beta   90.00
_cell.angle_gamma   90.00
#
_symmetry.space_group_name_H-M   'P 21 21 21'
#
loop_
_entity.id
_entity.type
_entity.pdbx_description
1 polymer 'Cationic trypsin'
2 non-polymer IMIDAZOLE
3 non-polymer 'CALCIUM ION'
4 non-polymer 1,10-PHENANTHROLINE
5 non-polymer 'VANADIUM ION'
6 non-polymer 'OXYGEN ATOM'
7 water water
#
_entity_poly.entity_id   1
_entity_poly.type   'polypeptide(L)'
_entity_poly.pdbx_seq_one_letter_code
;IVGGYTCGANTVPYQVSLNSGYHFCGGSLINSQWVVSAAHCYKSGIQVRLGEDNINVVEGNEQFISASKSIVHPSYNSNT
LNNDIMLIKLKSAASLNSRVASISLPTSCASAGTQCLISGWGNTKSSGTSYPDVLKCLKAPILSDSSCKSAYPGQITSNM
FCAGYLEGGKDSCQGDSGGPVVCSGKLQGIVSWGSGCAQKNKPGVYTKVCNYVSWIKQTIASN
;
_entity_poly.pdbx_strand_id   A
#
loop_
_chem_comp.id
_chem_comp.type
_chem_comp.name
_chem_comp.formula
CA non-polymer 'CALCIUM ION' 'Ca 2'
IMD non-polymer IMIDAZOLE 'C3 H5 N2 1'
O non-polymer 'OXYGEN ATOM' O
PHN non-polymer 1,10-PHENANTHROLINE 'C12 H8 N2'
V non-polymer 'VANADIUM ION' 'V 3'
#
# COMPACT_ATOMS: atom_id res chain seq x y z
N ILE A 1 -10.76 -0.07 -2.84
CA ILE A 1 -10.53 -0.54 -4.23
C ILE A 1 -11.85 -0.47 -4.97
N VAL A 2 -11.88 0.34 -6.04
CA VAL A 2 -13.04 0.48 -6.91
C VAL A 2 -12.82 -0.44 -8.12
N GLY A 3 -13.84 -1.24 -8.48
CA GLY A 3 -13.78 -2.08 -9.64
C GLY A 3 -12.94 -3.33 -9.54
N GLY A 4 -12.61 -3.73 -8.31
CA GLY A 4 -11.80 -4.90 -8.03
C GLY A 4 -12.64 -6.10 -7.72
N TYR A 5 -12.06 -7.01 -6.97
CA TYR A 5 -12.65 -8.32 -6.65
C TYR A 5 -12.25 -8.71 -5.22
N THR A 6 -13.03 -9.63 -4.64
CA THR A 6 -12.70 -10.14 -3.33
C THR A 6 -11.50 -11.06 -3.49
N CYS A 7 -10.42 -10.78 -2.75
CA CYS A 7 -9.16 -11.50 -2.95
C CYS A 7 -9.28 -12.98 -2.66
N GLY A 8 -9.99 -13.29 -1.56
CA GLY A 8 -9.98 -14.60 -0.97
C GLY A 8 -9.11 -14.61 0.26
N ALA A 9 -9.60 -15.21 1.33
CA ALA A 9 -8.97 -15.06 2.61
C ALA A 9 -7.50 -15.52 2.57
N ASN A 10 -6.65 -14.64 3.09
CA ASN A 10 -5.22 -14.89 3.29
C ASN A 10 -4.43 -15.23 2.02
N THR A 11 -4.95 -14.87 0.84
CA THR A 11 -4.25 -15.02 -0.42
C THR A 11 -3.30 -13.85 -0.70
N VAL A 12 -3.30 -12.84 0.16
CA VAL A 12 -2.40 -11.68 0.09
C VAL A 12 -1.72 -11.60 1.46
N PRO A 13 -0.81 -12.55 1.78
CA PRO A 13 -0.45 -12.75 3.18
C PRO A 13 0.51 -11.74 3.80
N TYR A 14 0.96 -10.80 2.98
CA TYR A 14 1.79 -9.67 3.37
C TYR A 14 0.93 -8.42 3.64
N GLN A 15 -0.35 -8.46 3.32
CA GLN A 15 -1.20 -7.28 3.52
C GLN A 15 -1.46 -7.07 4.99
N VAL A 16 -1.29 -5.85 5.49
CA VAL A 16 -1.60 -5.50 6.88
C VAL A 16 -2.70 -4.45 6.87
N SER A 17 -3.47 -4.40 7.98
CA SER A 17 -4.35 -3.31 8.33
C SER A 17 -3.71 -2.55 9.48
N LEU A 18 -3.61 -1.23 9.37
CA LEU A 18 -3.18 -0.37 10.44
C LEU A 18 -4.43 0.10 11.18
N ASN A 19 -4.46 -0.13 12.50
CA ASN A 19 -5.63 0.12 13.33
C ASN A 19 -5.33 1.05 14.48
N SER A 20 -6.12 2.13 14.59
CA SER A 20 -6.01 3.04 15.71
C SER A 20 -7.37 3.15 16.42
N GLY A 21 -7.96 1.98 16.67
CA GLY A 21 -9.33 1.90 17.09
C GLY A 21 -10.28 1.51 16.00
N TYR A 22 -9.78 1.55 14.77
CA TYR A 22 -10.46 1.32 13.49
C TYR A 22 -9.38 1.23 12.42
N HIS A 23 -9.70 0.57 11.33
CA HIS A 23 -8.81 0.51 10.18
C HIS A 23 -8.70 1.89 9.56
N PHE A 24 -7.47 2.36 9.31
CA PHE A 24 -7.35 3.63 8.61
C PHE A 24 -6.37 3.61 7.44
N CYS A 25 -5.54 2.58 7.30
CA CYS A 25 -4.62 2.50 6.18
C CYS A 25 -4.17 1.04 6.08
N GLY A 26 -3.66 0.70 4.90
CA GLY A 26 -2.97 -0.53 4.70
C GLY A 26 -1.48 -0.40 4.93
N GLY A 27 -0.81 -1.55 4.73
CA GLY A 27 0.65 -1.64 4.78
C GLY A 27 1.08 -3.02 4.32
N SER A 28 2.39 -3.19 4.25
CA SER A 28 2.98 -4.40 3.73
C SER A 28 4.05 -4.94 4.68
N LEU A 29 3.95 -6.22 5.03
CA LEU A 29 4.94 -6.86 5.89
C LEU A 29 6.17 -7.22 5.08
N ILE A 30 7.33 -6.63 5.41
CA ILE A 30 8.56 -6.86 4.61
C ILE A 30 9.52 -7.82 5.31
N ASN A 31 9.36 -8.03 6.62
CA ASN A 31 10.04 -9.11 7.34
C ASN A 31 9.30 -9.29 8.63
N SER A 32 9.79 -10.15 9.53
CA SER A 32 9.02 -10.47 10.73
C SER A 32 8.79 -9.28 11.68
N GLN A 33 9.60 -8.21 11.53
CA GLN A 33 9.56 -7.12 12.48
C GLN A 33 9.17 -5.75 11.89
N TRP A 34 8.98 -5.68 10.57
CA TRP A 34 8.80 -4.38 9.88
C TRP A 34 7.71 -4.39 8.86
N VAL A 35 6.98 -3.26 8.85
CA VAL A 35 5.93 -2.95 7.89
C VAL A 35 6.27 -1.67 7.15
N VAL A 36 6.03 -1.67 5.84
CA VAL A 36 6.10 -0.48 5.00
C VAL A 36 4.70 0.04 4.76
N SER A 37 4.53 1.36 4.92
CA SER A 37 3.28 2.02 4.59
C SER A 37 3.59 3.40 4.02
N ALA A 38 2.56 4.23 3.84
CA ALA A 38 2.72 5.59 3.34
C ALA A 38 3.02 6.49 4.51
N ALA A 39 3.87 7.51 4.31
CA ALA A 39 4.09 8.52 5.31
C ALA A 39 2.82 9.26 5.68
N HIS A 40 1.91 9.46 4.72
CA HIS A 40 0.69 10.15 5.03
C HIS A 40 -0.27 9.34 5.92
N CYS A 41 0.08 8.09 6.17
CA CYS A 41 -0.63 7.22 7.14
C CYS A 41 -0.09 7.34 8.54
N TYR A 42 0.92 8.17 8.76
CA TYR A 42 1.44 8.34 10.14
C TYR A 42 0.33 8.71 11.11
N LYS A 43 0.29 8.01 12.24
CA LYS A 43 -0.40 8.54 13.44
C LYS A 43 0.20 7.82 14.64
N SER A 44 -0.07 8.40 15.80
CA SER A 44 0.37 7.74 17.02
C SER A 44 -0.62 6.58 17.38
N GLY A 45 -0.19 5.58 18.14
CA GLY A 45 -1.10 4.56 18.61
C GLY A 45 -1.53 3.55 17.59
N ILE A 46 -0.59 3.15 16.73
CA ILE A 46 -0.89 2.18 15.69
C ILE A 46 -0.74 0.76 16.25
N GLN A 47 -1.73 -0.08 15.96
CA GLN A 47 -1.63 -1.53 16.08
C GLN A 47 -1.65 -2.10 14.67
N VAL A 48 -0.69 -2.97 14.40
CA VAL A 48 -0.62 -3.65 13.11
C VAL A 48 -1.42 -4.92 13.22
N ARG A 49 -2.28 -5.16 12.24
CA ARG A 49 -3.12 -6.36 12.21
C ARG A 49 -2.74 -7.17 10.97
N LEU A 50 -2.17 -8.35 11.24
CA LEU A 50 -1.68 -9.28 10.20
C LEU A 50 -2.67 -10.45 10.13
N GLY A 51 -2.64 -11.12 8.97
CA GLY A 51 -3.48 -12.29 8.84
C GLY A 51 -4.97 -12.01 8.73
N GLU A 52 -5.33 -10.78 8.38
CA GLU A 52 -6.73 -10.34 8.29
C GLU A 52 -7.36 -10.71 6.96
N ASP A 53 -8.63 -11.11 7.03
CA ASP A 53 -9.50 -11.07 5.88
C ASP A 53 -10.67 -10.14 6.21
N ASN A 54 -11.68 -10.62 6.96
CA ASN A 54 -12.70 -9.73 7.47
C ASN A 54 -12.16 -8.96 8.66
N ILE A 55 -12.04 -7.64 8.54
CA ILE A 55 -11.49 -6.82 9.61
C ILE A 55 -12.42 -6.58 10.76
N ASN A 56 -13.66 -7.04 10.65
CA ASN A 56 -14.63 -6.92 11.72
C ASN A 56 -14.95 -8.22 12.44
N VAL A 57 -14.31 -9.32 12.09
CA VAL A 57 -14.55 -10.64 12.70
C VAL A 57 -13.23 -11.27 12.99
N VAL A 58 -13.06 -11.84 14.18
CA VAL A 58 -11.86 -12.65 14.48
C VAL A 58 -12.13 -14.02 13.87
N GLU A 59 -11.38 -14.34 12.81
CA GLU A 59 -11.58 -15.54 12.04
C GLU A 59 -10.59 -16.65 12.36
N GLY A 60 -9.47 -16.32 13.01
CA GLY A 60 -8.59 -17.31 13.58
C GLY A 60 -7.14 -17.25 13.12
N ASN A 61 -6.82 -16.42 12.13
CA ASN A 61 -5.47 -16.33 11.60
C ASN A 61 -4.78 -15.00 11.87
N GLU A 62 -5.43 -14.14 12.66
CA GLU A 62 -4.90 -12.83 12.92
C GLU A 62 -3.72 -12.84 13.88
N GLN A 63 -2.81 -11.90 13.71
CA GLN A 63 -1.83 -11.47 14.72
C GLN A 63 -1.99 -9.98 14.88
N PHE A 64 -2.22 -9.54 16.12
CA PHE A 64 -2.36 -8.12 16.43
C PHE A 64 -1.13 -7.71 17.22
N ILE A 65 -0.30 -6.82 16.67
CA ILE A 65 0.99 -6.47 17.26
C ILE A 65 1.10 -4.94 17.25
N SER A 66 1.29 -4.33 18.43
CA SER A 66 1.45 -2.88 18.48
C SER A 66 2.75 -2.44 17.83
N ALA A 67 2.75 -1.24 17.24
CA ALA A 67 3.96 -0.61 16.77
C ALA A 67 4.81 -0.18 17.95
N SER A 68 6.11 -0.45 17.89
CA SER A 68 6.98 0.17 18.86
CA SER A 68 7.15 0.08 18.77
C SER A 68 7.57 1.50 18.39
N LYS A 69 7.74 1.67 17.07
CA LYS A 69 8.29 2.89 16.50
C LYS A 69 7.75 3.07 15.10
N SER A 70 7.50 4.32 14.73
CA SER A 70 7.17 4.68 13.35
C SER A 70 8.24 5.65 12.88
N ILE A 71 8.66 5.45 11.62
CA ILE A 71 9.72 6.27 11.03
C ILE A 71 9.26 6.75 9.66
N VAL A 72 8.85 8.01 9.60
CA VAL A 72 8.51 8.66 8.33
C VAL A 72 9.83 9.01 7.61
N HIS A 73 9.82 8.86 6.27
CA HIS A 73 10.99 9.17 5.51
C HIS A 73 11.48 10.58 5.84
N PRO A 74 12.81 10.77 5.93
CA PRO A 74 13.35 12.07 6.30
C PRO A 74 12.92 13.22 5.38
N SER A 75 12.73 12.92 4.10
CA SER A 75 12.41 13.93 3.11
C SER A 75 10.96 13.96 2.73
N TYR A 76 10.09 13.29 3.47
CA TYR A 76 8.65 13.31 3.19
C TYR A 76 8.14 14.75 3.18
N ASN A 77 7.44 15.12 2.11
CA ASN A 77 6.80 16.39 1.97
C ASN A 77 5.34 16.17 1.83
N SER A 78 4.58 16.47 2.89
CA SER A 78 3.14 16.22 2.92
C SER A 78 2.34 17.10 1.96
N ASN A 79 2.95 18.19 1.49
CA ASN A 79 2.27 19.05 0.51
C ASN A 79 2.28 18.46 -0.87
N THR A 80 3.40 17.89 -1.31
CA THR A 80 3.57 17.33 -2.64
C THR A 80 3.39 15.81 -2.66
N LEU A 81 3.41 15.19 -1.48
CA LEU A 81 3.50 13.73 -1.27
C LEU A 81 4.75 13.12 -1.87
N ASN A 82 5.79 13.92 -2.07
CA ASN A 82 7.06 13.34 -2.46
C ASN A 82 7.66 12.55 -1.28
N ASN A 83 8.23 11.39 -1.54
CA ASN A 83 8.84 10.51 -0.52
C ASN A 83 7.78 10.02 0.46
N ASP A 84 6.65 9.54 -0.07
CA ASP A 84 5.51 9.11 0.73
C ASP A 84 5.69 7.67 1.19
N ILE A 85 6.56 7.48 2.17
CA ILE A 85 6.92 6.15 2.68
C ILE A 85 7.24 6.31 4.17
N MET A 86 6.87 5.27 4.89
CA MET A 86 7.11 5.17 6.35
C MET A 86 7.35 3.69 6.70
N LEU A 87 8.26 3.51 7.64
CA LEU A 87 8.52 2.18 8.24
C LEU A 87 7.88 2.15 9.63
N ILE A 88 7.32 0.97 9.95
CA ILE A 88 6.73 0.69 11.24
C ILE A 88 7.42 -0.55 11.79
N LYS A 89 8.02 -0.38 12.98
CA LYS A 89 8.66 -1.50 13.71
C LYS A 89 7.64 -2.10 14.67
N LEU A 90 7.51 -3.42 14.62
CA LEU A 90 6.62 -4.18 15.49
C LEU A 90 7.24 -4.38 16.88
N LYS A 91 6.41 -4.31 17.91
CA LYS A 91 6.88 -4.62 19.28
C LYS A 91 7.41 -6.03 19.46
N SER A 92 6.86 -6.98 18.69
CA SER A 92 7.28 -8.37 18.73
C SER A 92 7.18 -8.91 17.30
N ALA A 93 7.97 -9.92 17.02
CA ALA A 93 8.09 -10.46 15.66
C ALA A 93 6.82 -11.22 15.29
N ALA A 94 6.37 -11.05 14.06
CA ALA A 94 5.29 -11.83 13.53
C ALA A 94 5.74 -13.27 13.35
N SER A 95 4.79 -14.20 13.52
CA SER A 95 5.03 -15.61 13.25
C SER A 95 4.69 -15.85 11.78
N LEU A 96 5.69 -16.18 10.96
CA LEU A 96 5.51 -16.31 9.51
C LEU A 96 5.19 -17.77 9.14
N ASN A 97 4.18 -17.94 8.27
CA ASN A 97 3.52 -19.20 7.80
C ASN A 97 2.77 -18.92 6.45
N SER A 98 1.76 -19.73 6.07
CA SER A 98 1.07 -19.44 4.79
C SER A 98 0.11 -18.23 4.84
N ARG A 99 -0.46 -17.96 6.01
CA ARG A 99 -1.48 -16.89 6.17
C ARG A 99 -0.81 -15.57 6.53
N VAL A 100 0.43 -15.60 7.05
CA VAL A 100 1.19 -14.38 7.29
C VAL A 100 2.59 -14.55 6.75
N ALA A 101 2.96 -13.74 5.78
CA ALA A 101 4.24 -13.89 5.10
C ALA A 101 4.71 -12.53 4.67
N SER A 102 6.04 -12.39 4.55
CA SER A 102 6.60 -11.15 4.08
C SER A 102 6.64 -11.08 2.55
N ILE A 103 6.71 -9.85 2.04
CA ILE A 103 6.87 -9.58 0.63
C ILE A 103 8.27 -9.00 0.40
N SER A 104 8.95 -9.50 -0.64
CA SER A 104 10.30 -9.07 -0.97
C SER A 104 10.36 -7.63 -1.43
N LEU A 105 11.42 -6.92 -1.02
CA LEU A 105 11.73 -5.62 -1.56
C LEU A 105 12.30 -5.80 -2.95
N PRO A 106 12.15 -4.78 -3.83
CA PRO A 106 12.74 -4.86 -5.16
C PRO A 106 14.27 -4.70 -5.12
N THR A 107 14.91 -5.30 -6.10
CA THR A 107 16.29 -5.02 -6.39
C THR A 107 16.40 -4.00 -7.49
N SER A 108 15.48 -4.13 -8.51
CA SER A 108 15.37 -3.19 -9.59
C SER A 108 13.92 -2.71 -9.67
N CYS A 109 13.73 -1.59 -10.35
CA CYS A 109 12.41 -1.05 -10.52
C CYS A 109 11.59 -1.88 -11.48
N ALA A 110 10.28 -1.78 -11.36
CA ALA A 110 9.36 -2.47 -12.27
C ALA A 110 9.27 -1.74 -13.57
N SER A 111 8.88 -2.48 -14.59
CA SER A 111 8.72 -1.92 -15.90
CA SER A 111 8.72 -1.91 -15.91
C SER A 111 7.27 -1.50 -16.15
N ALA A 112 7.10 -0.41 -16.95
CA ALA A 112 5.77 -0.05 -17.44
C ALA A 112 5.17 -1.22 -18.16
N GLY A 113 3.85 -1.37 -18.06
CA GLY A 113 3.16 -2.48 -18.62
C GLY A 113 3.03 -3.69 -17.72
N THR A 114 3.86 -3.79 -16.68
CA THR A 114 3.81 -4.90 -15.73
C THR A 114 2.44 -4.86 -15.02
N GLN A 115 1.76 -6.00 -14.96
CA GLN A 115 0.51 -6.12 -14.19
C GLN A 115 0.87 -6.32 -12.75
N CYS A 116 0.28 -5.48 -11.90
CA CYS A 116 0.53 -5.51 -10.48
C CYS A 116 -0.77 -5.81 -9.75
N LEU A 117 -0.61 -6.25 -8.51
CA LEU A 117 -1.73 -6.53 -7.60
C LEU A 117 -1.75 -5.45 -6.51
N ILE A 118 -2.87 -4.72 -6.46
CA ILE A 118 -3.12 -3.68 -5.51
C ILE A 118 -4.25 -4.18 -4.62
N SER A 119 -4.13 -3.97 -3.31
CA SER A 119 -5.12 -4.52 -2.38
C SER A 119 -5.40 -3.60 -1.22
N GLY A 120 -6.61 -3.75 -0.64
CA GLY A 120 -6.98 -2.98 0.52
C GLY A 120 -8.44 -3.07 0.88
N TRP A 121 -8.75 -2.39 2.00
CA TRP A 121 -10.09 -2.32 2.56
C TRP A 121 -10.74 -0.94 2.36
N GLY A 122 -10.30 -0.17 1.36
CA GLY A 122 -10.83 1.13 1.06
C GLY A 122 -12.16 1.11 0.34
N ASN A 123 -12.65 2.34 0.10
CA ASN A 123 -13.96 2.60 -0.55
C ASN A 123 -13.98 1.87 -1.89
N THR A 124 -15.11 1.20 -2.14
CA THR A 124 -15.34 0.52 -3.40
C THR A 124 -16.20 1.30 -4.41
N LYS A 125 -16.56 2.55 -4.08
CA LYS A 125 -17.33 3.42 -5.00
C LYS A 125 -16.54 4.62 -5.41
N SER A 126 -16.71 5.04 -6.68
CA SER A 126 -16.08 6.25 -7.24
C SER A 126 -16.94 7.48 -6.95
N SER A 127 -18.22 7.24 -6.66
CA SER A 127 -19.13 8.27 -6.23
C SER A 127 -19.92 7.65 -5.10
N GLY A 128 -20.03 8.35 -3.98
CA GLY A 128 -20.60 7.70 -2.81
C GLY A 128 -19.61 6.88 -2.05
N THR A 129 -20.11 6.16 -1.03
CA THR A 129 -19.26 5.50 -0.06
CA THR A 129 -19.20 5.42 -0.15
C THR A 129 -19.74 4.12 0.33
N SER A 130 -18.86 3.11 0.23
CA SER A 130 -19.10 1.79 0.71
C SER A 130 -17.81 1.12 1.01
N TYR A 131 -17.65 0.74 2.27
CA TYR A 131 -16.38 0.17 2.74
C TYR A 131 -16.57 -1.32 2.96
N PRO A 132 -15.71 -2.15 2.33
CA PRO A 132 -15.81 -3.58 2.43
C PRO A 132 -15.14 -4.09 3.72
N ASP A 133 -15.66 -5.18 4.22
CA ASP A 133 -15.12 -5.82 5.41
C ASP A 133 -14.02 -6.81 5.06
N VAL A 134 -14.10 -7.43 3.89
CA VAL A 134 -13.10 -8.39 3.42
C VAL A 134 -12.17 -7.73 2.41
N LEU A 135 -10.95 -8.24 2.30
CA LEU A 135 -9.90 -7.62 1.52
C LEU A 135 -10.24 -7.67 0.03
N LYS A 136 -10.14 -6.52 -0.58
CA LYS A 136 -10.34 -6.38 -2.07
CA LYS A 136 -10.34 -6.39 -2.07
C LYS A 136 -8.96 -6.29 -2.80
N CYS A 137 -8.99 -6.73 -4.07
CA CYS A 137 -7.87 -6.87 -4.92
C CYS A 137 -8.18 -6.21 -6.26
N LEU A 138 -7.11 -5.77 -6.92
CA LEU A 138 -7.21 -5.17 -8.26
C LEU A 138 -5.93 -5.48 -8.98
N LYS A 139 -6.07 -5.99 -10.22
CA LYS A 139 -4.94 -6.12 -11.15
C LYS A 139 -4.91 -4.83 -11.99
N ALA A 140 -3.74 -4.20 -12.04
CA ALA A 140 -3.59 -2.92 -12.72
C ALA A 140 -2.18 -2.81 -13.27
N PRO A 141 -2.02 -2.31 -14.50
CA PRO A 141 -0.70 -2.13 -15.09
C PRO A 141 -0.02 -0.83 -14.68
N ILE A 142 1.31 -0.87 -14.59
CA ILE A 142 2.09 0.32 -14.44
C ILE A 142 2.00 1.13 -15.76
N LEU A 143 1.79 2.45 -15.66
CA LEU A 143 1.68 3.35 -16.82
C LEU A 143 3.03 4.02 -17.04
N SER A 144 3.23 4.47 -18.29
CA SER A 144 4.38 5.27 -18.67
C SER A 144 4.50 6.49 -17.81
N ASP A 145 5.76 6.92 -17.58
CA ASP A 145 6.06 8.21 -16.93
C ASP A 145 5.37 9.35 -17.70
N SER A 146 5.46 9.36 -19.04
CA SER A 146 4.84 10.45 -19.83
C SER A 146 3.30 10.48 -19.68
N SER A 147 2.63 9.30 -19.64
CA SER A 147 1.15 9.33 -19.46
C SER A 147 0.80 9.84 -18.07
N CYS A 148 1.59 9.44 -17.06
CA CYS A 148 1.43 9.85 -15.69
C CYS A 148 1.54 11.35 -15.55
N LYS A 149 2.63 11.90 -16.10
CA LYS A 149 2.86 13.33 -16.10
C LYS A 149 1.77 14.13 -16.86
N SER A 150 1.27 13.57 -17.98
CA SER A 150 0.15 14.20 -18.69
C SER A 150 -1.15 14.22 -17.89
N ALA A 151 -1.39 13.17 -17.08
CA ALA A 151 -2.56 13.07 -16.25
C ALA A 151 -2.53 14.08 -15.10
N TYR A 152 -1.33 14.30 -14.55
CA TYR A 152 -1.13 15.18 -13.39
C TYR A 152 0.03 16.15 -13.65
N PRO A 153 -0.15 17.11 -14.57
CA PRO A 153 0.95 17.99 -14.92
C PRO A 153 1.47 18.77 -13.70
N GLY A 154 2.78 18.86 -13.59
CA GLY A 154 3.40 19.55 -12.49
C GLY A 154 3.39 18.89 -11.15
N GLN A 155 2.98 17.61 -11.08
CA GLN A 155 2.82 16.94 -9.81
C GLN A 155 3.59 15.65 -9.62
N ILE A 156 4.07 15.03 -10.70
CA ILE A 156 4.69 13.73 -10.61
C ILE A 156 6.19 13.88 -10.50
N THR A 157 6.76 13.37 -9.41
CA THR A 157 8.20 13.35 -9.22
C THR A 157 8.77 12.01 -9.65
N SER A 158 10.10 11.92 -9.63
CA SER A 158 10.79 10.66 -9.94
C SER A 158 10.50 9.57 -8.93
N ASN A 159 9.88 9.91 -7.80
CA ASN A 159 9.58 8.97 -6.75
C ASN A 159 8.13 8.50 -6.77
N MET A 160 7.45 8.68 -7.89
CA MET A 160 6.05 8.33 -8.08
C MET A 160 5.86 7.60 -9.38
N PHE A 161 4.88 6.71 -9.44
CA PHE A 161 4.41 6.16 -10.71
C PHE A 161 2.94 6.00 -10.70
N CYS A 162 2.33 5.99 -11.88
CA CYS A 162 0.92 5.77 -12.04
C CYS A 162 0.67 4.33 -12.40
N ALA A 163 -0.46 3.80 -11.95
CA ALA A 163 -0.91 2.46 -12.33
C ALA A 163 -2.41 2.50 -12.40
N GLY A 164 -2.95 1.74 -13.33
CA GLY A 164 -4.37 1.67 -13.51
C GLY A 164 -4.76 1.78 -14.96
N TYR A 165 -5.88 2.50 -15.18
CA TYR A 165 -6.65 2.50 -16.44
C TYR A 165 -7.13 3.90 -16.74
N LEU A 166 -6.65 4.48 -17.84
CA LEU A 166 -7.01 5.82 -18.21
C LEU A 166 -8.51 5.93 -18.53
N GLU A 167 -9.16 4.81 -18.92
CA GLU A 167 -10.61 4.83 -19.20
C GLU A 167 -11.49 4.99 -17.92
N GLY A 168 -10.88 4.82 -16.74
CA GLY A 168 -11.55 4.83 -15.46
C GLY A 168 -12.12 3.48 -15.12
N GLY A 169 -12.82 3.45 -13.98
CA GLY A 169 -13.52 2.30 -13.51
C GLY A 169 -12.85 1.41 -12.50
N LYS A 170 -11.51 1.46 -12.44
CA LYS A 170 -10.73 0.56 -11.60
C LYS A 170 -9.62 1.38 -11.00
N ASP A 171 -9.52 1.36 -9.67
CA ASP A 171 -8.52 2.20 -8.97
C ASP A 171 -8.45 1.80 -7.50
N SER A 172 -7.42 2.30 -6.83
CA SER A 172 -7.41 2.31 -5.38
CA SER A 172 -7.35 2.41 -5.38
C SER A 172 -8.24 3.57 -4.94
N CYS A 173 -8.58 3.63 -3.65
CA CYS A 173 -9.40 4.70 -3.14
C CYS A 173 -9.19 4.92 -1.65
N GLN A 174 -9.95 5.84 -1.03
CA GLN A 174 -9.83 6.18 0.36
C GLN A 174 -9.91 4.92 1.23
N GLY A 175 -8.93 4.78 2.12
CA GLY A 175 -8.79 3.64 3.00
C GLY A 175 -7.82 2.59 2.48
N ASP A 176 -7.44 2.66 1.20
CA ASP A 176 -6.39 1.81 0.66
C ASP A 176 -4.99 2.34 0.89
N SER A 177 -4.90 3.63 1.26
CA SER A 177 -3.61 4.30 1.47
C SER A 177 -2.64 3.42 2.23
N GLY A 178 -1.39 3.43 1.78
CA GLY A 178 -0.34 2.72 2.44
C GLY A 178 -0.18 1.28 2.08
N GLY A 179 -1.16 0.74 1.35
CA GLY A 179 -1.15 -0.65 1.00
C GLY A 179 -0.26 -0.96 -0.20
N PRO A 180 -0.13 -2.26 -0.46
CA PRO A 180 0.83 -2.74 -1.45
C PRO A 180 0.42 -2.59 -2.91
N VAL A 181 1.47 -2.44 -3.73
CA VAL A 181 1.45 -2.65 -5.14
C VAL A 181 2.55 -3.67 -5.42
N VAL A 182 2.15 -4.89 -5.75
CA VAL A 182 3.09 -6.01 -5.90
C VAL A 182 3.16 -6.39 -7.39
N CYS A 183 4.38 -6.43 -7.91
CA CYS A 183 4.61 -6.71 -9.33
C CYS A 183 5.72 -7.73 -9.41
N SER A 184 5.49 -8.84 -10.11
CA SER A 184 6.49 -9.91 -10.25
C SER A 184 7.12 -10.26 -8.89
N GLY A 185 6.27 -10.37 -7.88
CA GLY A 185 6.65 -10.83 -6.56
C GLY A 185 7.50 -9.88 -5.73
N LYS A 186 7.46 -8.59 -6.07
CA LYS A 186 8.20 -7.56 -5.34
C LYS A 186 7.26 -6.45 -4.99
N LEU A 187 7.49 -5.82 -3.82
CA LEU A 187 6.75 -4.63 -3.41
C LEU A 187 7.32 -3.44 -4.16
N GLN A 188 6.65 -3.04 -5.26
CA GLN A 188 7.10 -1.93 -6.08
C GLN A 188 6.41 -0.61 -5.79
N GLY A 189 5.20 -0.66 -5.22
CA GLY A 189 4.49 0.57 -4.93
C GLY A 189 3.81 0.57 -3.58
N ILE A 190 3.43 1.78 -3.17
CA ILE A 190 2.63 2.01 -1.99
C ILE A 190 1.50 2.93 -2.42
N VAL A 191 0.26 2.58 -2.06
CA VAL A 191 -0.91 3.39 -2.42
C VAL A 191 -0.68 4.78 -1.81
N SER A 192 -0.62 5.83 -2.66
CA SER A 192 -0.23 7.19 -2.26
C SER A 192 -1.35 8.20 -2.46
N TRP A 193 -1.71 8.51 -3.70
CA TRP A 193 -2.69 9.53 -3.95
C TRP A 193 -3.33 9.37 -5.31
N GLY A 194 -4.35 10.19 -5.57
CA GLY A 194 -4.94 10.31 -6.88
C GLY A 194 -5.88 11.47 -6.89
N SER A 195 -6.69 11.58 -7.90
CA SER A 195 -7.68 12.63 -8.02
C SER A 195 -8.98 11.89 -8.06
N GLY A 196 -9.67 11.86 -6.90
CA GLY A 196 -10.78 10.94 -6.82
C GLY A 196 -10.33 9.52 -6.99
N CYS A 197 -11.30 8.69 -7.35
CA CYS A 197 -11.04 7.29 -7.56
C CYS A 197 -11.70 6.81 -8.83
N ALA A 198 -10.94 6.15 -9.69
CA ALA A 198 -11.46 5.50 -10.86
C ALA A 198 -12.07 6.44 -11.89
N GLN A 199 -11.59 7.70 -11.88
CA GLN A 199 -12.06 8.69 -12.85
C GLN A 199 -11.27 8.56 -14.13
N LYS A 200 -11.89 8.92 -15.24
CA LYS A 200 -11.19 8.93 -16.53
C LYS A 200 -9.99 9.87 -16.47
N ASN A 201 -8.87 9.40 -17.01
CA ASN A 201 -7.62 10.16 -17.14
C ASN A 201 -6.97 10.55 -15.83
N LYS A 202 -7.37 9.88 -14.75
CA LYS A 202 -6.88 10.15 -13.40
C LYS A 202 -6.54 8.83 -12.70
N PRO A 203 -5.47 8.18 -13.15
CA PRO A 203 -5.09 6.91 -12.53
C PRO A 203 -4.51 7.14 -11.14
N GLY A 204 -4.43 6.07 -10.38
CA GLY A 204 -3.77 6.18 -9.12
C GLY A 204 -2.28 6.44 -9.22
N VAL A 205 -1.77 7.11 -8.18
CA VAL A 205 -0.38 7.44 -8.04
C VAL A 205 0.17 6.67 -6.82
N TYR A 206 1.39 6.18 -6.96
CA TYR A 206 2.02 5.20 -6.04
C TYR A 206 3.44 5.65 -5.76
N THR A 207 3.88 5.45 -4.52
CA THR A 207 5.27 5.67 -4.18
C THR A 207 6.14 4.62 -4.85
N LYS A 208 7.25 5.04 -5.44
CA LYS A 208 8.14 4.17 -6.17
C LYS A 208 9.15 3.53 -5.22
N VAL A 209 8.80 2.38 -4.67
CA VAL A 209 9.55 1.73 -3.62
C VAL A 209 11.00 1.43 -3.98
N CYS A 210 11.28 1.14 -5.26
CA CYS A 210 12.65 0.84 -5.65
C CYS A 210 13.63 1.98 -5.42
N ASN A 211 13.14 3.20 -5.27
CA ASN A 211 14.02 4.32 -4.95
C ASN A 211 14.38 4.44 -3.49
N TYR A 212 13.79 3.59 -2.66
CA TYR A 212 13.94 3.67 -1.18
C TYR A 212 14.60 2.43 -0.57
N VAL A 213 15.06 1.47 -1.36
CA VAL A 213 15.55 0.24 -0.75
C VAL A 213 16.77 0.50 0.13
N SER A 214 17.68 1.40 -0.29
CA SER A 214 18.87 1.74 0.50
CA SER A 214 18.86 1.72 0.50
C SER A 214 18.46 2.33 1.85
N TRP A 215 17.50 3.26 1.83
CA TRP A 215 17.04 3.90 3.07
C TRP A 215 16.37 2.83 3.95
N ILE A 216 15.55 1.96 3.35
CA ILE A 216 14.88 0.91 4.12
C ILE A 216 15.91 0.02 4.80
N LYS A 217 16.89 -0.47 4.03
CA LYS A 217 17.87 -1.40 4.58
C LYS A 217 18.69 -0.74 5.69
N GLN A 218 19.13 0.50 5.47
CA GLN A 218 19.92 1.19 6.45
C GLN A 218 19.12 1.41 7.73
N THR A 219 17.84 1.75 7.58
CA THR A 219 17.00 2.04 8.71
C THR A 219 16.77 0.77 9.52
N ILE A 220 16.41 -0.33 8.85
CA ILE A 220 16.20 -1.60 9.53
C ILE A 220 17.48 -2.09 10.21
N ALA A 221 18.64 -1.73 9.66
CA ALA A 221 19.91 -2.15 10.20
C ALA A 221 20.23 -1.52 11.54
N SER A 222 19.55 -0.42 11.87
CA SER A 222 19.84 0.34 13.07
C SER A 222 18.67 0.62 13.98
N ASN A 223 17.58 -0.11 13.76
CA ASN A 223 16.38 0.06 14.55
C ASN A 223 15.64 -1.25 14.79
N1 IMD B . -5.58 -12.31 -6.27
C2 IMD B . -6.28 -12.73 -5.23
N3 IMD B . -5.44 -13.16 -4.32
C4 IMD B . -4.17 -12.87 -4.70
C5 IMD B . -4.24 -12.45 -5.99
N1 IMD C . -13.53 -1.32 5.75
C2 IMD C . -14.52 -1.59 6.56
N3 IMD C . -14.50 -0.70 7.53
C4 IMD C . -13.38 0.07 7.38
C5 IMD C . -12.88 -0.21 6.19
N1 IMD D . -15.46 7.98 -3.89
C2 IMD D . -16.40 8.79 -3.39
N3 IMD D . -15.87 10.00 -3.34
C4 IMD D . -14.65 9.98 -3.92
C5 IMD D . -14.37 8.72 -4.21
N1 IMD E . -5.77 7.19 -0.70
C2 IMD E . -4.61 6.89 -1.33
N3 IMD E . -4.87 6.74 -2.62
C4 IMD E . -6.20 6.95 -2.83
C5 IMD E . -6.72 7.40 -1.67
CA CA F . -10.42 -10.63 11.18
N1 PHN G . -5.71 8.12 3.40
C2 PHN G . -6.08 7.47 4.48
C3 PHN G . -5.86 7.91 5.79
C4 PHN G . -5.27 9.13 5.98
C4A PHN G . -4.84 9.86 4.87
C5 PHN G . -4.18 11.14 4.94
C6 PHN G . -3.80 11.80 3.83
C6A PHN G . -4.00 11.24 2.53
C7 PHN G . -3.54 11.83 1.32
C8 PHN G . -3.68 11.18 0.12
C9 PHN G . -4.40 9.99 0.09
N10 PHN G . -4.85 9.39 1.20
C10 PHN G . -4.66 10.01 2.41
C1A PHN G . -5.11 9.31 3.59
V V H . -6.01 7.46 1.39
O O I . -6.58 5.94 1.82
O O J . -7.39 8.45 1.09
#